data_8RSA
#
_entry.id   8RSA
#
_cell.length_a   53.140
_cell.length_b   64.610
_cell.length_c   73.640
_cell.angle_alpha   90.00
_cell.angle_beta   90.00
_cell.angle_gamma   90.00
#
_symmetry.space_group_name_H-M   'P 21 21 21'
#
loop_
_entity.id
_entity.type
_entity.pdbx_description
1 polymer 'RIBONUCLEASE A'
2 non-polymer "3'-DEOXY-3'-ACETAMIDO-THYMIDINE"
3 water water
#
_entity_poly.entity_id   1
_entity_poly.type   'polypeptide(L)'
_entity_poly.pdbx_seq_one_letter_code
;KETAAAKFERQHMDSSTSAASSSNYCNQMMKSRNLTKDRCKPVNTFVHESLADVQAVCSQKNVACKNGQTNCYQSYSTMS
ITDCRETGSSKYPNCAYKTTQANKHIIVACEGNPYVPVHFDASV
;
_entity_poly.pdbx_strand_id   A,B
#
loop_
_chem_comp.id
_chem_comp.type
_chem_comp.name
_chem_comp.formula
ADT non-polymer 3'-DEOXY-3'-ACETAMIDO-THYMIDINE 'C12 H17 N3 O5'
#
# COMPACT_ATOMS: atom_id res chain seq x y z
N LYS A 1 -9.26 -3.25 -25.89
CA LYS A 1 -9.33 -2.00 -26.67
C LYS A 1 -9.81 -0.89 -25.70
N GLU A 2 -9.87 -1.31 -24.44
CA GLU A 2 -10.28 -0.38 -23.38
C GLU A 2 -9.13 0.60 -23.14
N THR A 3 -9.45 1.83 -23.05
CA THR A 3 -8.61 3.01 -22.78
C THR A 3 -7.98 2.87 -21.41
N ALA A 4 -6.91 3.53 -21.11
CA ALA A 4 -6.25 3.46 -19.78
C ALA A 4 -7.18 4.13 -18.79
N ALA A 5 -7.80 5.23 -19.22
CA ALA A 5 -8.74 5.98 -18.38
C ALA A 5 -9.95 5.14 -18.01
N ALA A 6 -10.59 4.49 -18.96
CA ALA A 6 -11.76 3.65 -18.75
C ALA A 6 -11.40 2.41 -17.92
N LYS A 7 -10.22 1.88 -18.08
CA LYS A 7 -9.76 0.71 -17.26
C LYS A 7 -9.58 1.12 -15.82
N PHE A 8 -9.08 2.31 -15.55
CA PHE A 8 -8.94 2.87 -14.21
C PHE A 8 -10.35 3.07 -13.57
N GLU A 9 -11.31 3.59 -14.26
CA GLU A 9 -12.67 3.73 -13.77
C GLU A 9 -13.26 2.37 -13.43
N ARG A 10 -13.26 1.39 -14.29
CA ARG A 10 -13.76 0.03 -14.08
C ARG A 10 -13.07 -0.68 -12.92
N GLN A 11 -11.76 -0.65 -12.78
CA GLN A 11 -11.06 -1.36 -11.72
C GLN A 11 -10.97 -0.59 -10.41
N HIS A 12 -11.01 0.72 -10.37
CA HIS A 12 -10.78 1.47 -9.14
C HIS A 12 -11.76 2.54 -8.73
N MET A 13 -12.81 2.83 -9.47
CA MET A 13 -13.82 3.83 -9.11
C MET A 13 -15.19 3.19 -8.74
N ASP A 14 -15.76 3.69 -7.64
CA ASP A 14 -17.14 3.33 -7.24
C ASP A 14 -17.80 4.61 -6.71
N SER A 15 -18.16 5.49 -7.61
CA SER A 15 -18.76 6.77 -7.29
C SER A 15 -20.21 6.59 -6.80
N SER A 16 -20.89 5.56 -7.21
CA SER A 16 -22.30 5.34 -6.82
C SER A 16 -22.53 5.06 -5.35
N THR A 17 -21.51 4.89 -4.54
CA THR A 17 -21.69 4.61 -3.10
C THR A 17 -20.73 5.49 -2.33
N SER A 18 -21.13 5.86 -1.12
CA SER A 18 -20.28 6.68 -0.26
C SER A 18 -19.22 5.86 0.47
N ALA A 19 -19.52 4.59 0.65
CA ALA A 19 -18.67 3.64 1.35
C ALA A 19 -19.12 2.20 1.14
N ALA A 20 -18.26 1.26 1.49
CA ALA A 20 -18.57 -0.17 1.38
C ALA A 20 -19.86 -0.37 2.21
N SER A 21 -20.85 -0.98 1.54
CA SER A 21 -22.11 -1.23 2.27
C SER A 21 -21.84 -2.22 3.40
N SER A 22 -21.66 -3.48 3.05
CA SER A 22 -21.43 -4.47 4.10
C SER A 22 -20.04 -5.05 3.96
N SER A 23 -19.82 -6.05 4.80
CA SER A 23 -18.63 -6.86 4.87
C SER A 23 -18.39 -7.63 3.58
N ASN A 24 -19.50 -7.76 2.84
CA ASN A 24 -19.56 -8.45 1.58
C ASN A 24 -19.26 -7.61 0.33
N TYR A 25 -18.98 -6.35 0.54
CA TYR A 25 -18.73 -5.42 -0.57
C TYR A 25 -17.68 -5.92 -1.55
N CYS A 26 -16.53 -6.30 -1.09
CA CYS A 26 -15.43 -6.79 -1.93
C CYS A 26 -15.82 -8.03 -2.69
N ASN A 27 -16.49 -8.99 -2.04
CA ASN A 27 -16.84 -10.24 -2.79
C ASN A 27 -17.71 -9.92 -4.01
N GLN A 28 -18.63 -9.02 -3.84
CA GLN A 28 -19.57 -8.56 -4.85
C GLN A 28 -18.90 -7.69 -5.93
N MET A 29 -18.15 -6.69 -5.55
CA MET A 29 -17.49 -5.76 -6.47
C MET A 29 -16.37 -6.39 -7.28
N MET A 30 -15.50 -7.19 -6.69
CA MET A 30 -14.40 -7.83 -7.43
C MET A 30 -15.02 -8.67 -8.55
N LYS A 31 -16.13 -9.31 -8.24
CA LYS A 31 -16.80 -10.13 -9.25
C LYS A 31 -17.48 -9.28 -10.31
N SER A 32 -18.24 -8.26 -9.93
CA SER A 32 -18.96 -7.45 -10.94
C SER A 32 -18.06 -6.64 -11.87
N ARG A 33 -16.92 -6.18 -11.47
CA ARG A 33 -15.97 -5.42 -12.27
C ARG A 33 -15.03 -6.33 -13.04
N ASN A 34 -15.32 -7.61 -13.06
CA ASN A 34 -14.55 -8.64 -13.76
C ASN A 34 -13.16 -8.87 -13.25
N LEU A 35 -12.87 -8.58 -11.99
CA LEU A 35 -11.49 -8.83 -11.51
C LEU A 35 -11.32 -10.26 -11.04
N THR A 36 -12.32 -11.12 -11.10
CA THR A 36 -12.17 -12.51 -10.67
C THR A 36 -12.45 -13.44 -11.84
N LYS A 37 -12.32 -12.92 -13.06
CA LYS A 37 -12.63 -13.71 -14.26
C LYS A 37 -11.78 -14.93 -14.52
N ASP A 38 -10.46 -14.80 -14.59
CA ASP A 38 -9.65 -16.00 -14.86
C ASP A 38 -8.91 -16.48 -13.61
N ARG A 39 -8.87 -15.57 -12.66
CA ARG A 39 -8.17 -15.85 -11.40
C ARG A 39 -8.71 -14.87 -10.36
N CYS A 40 -8.29 -15.11 -9.13
CA CYS A 40 -8.70 -14.19 -8.05
C CYS A 40 -7.63 -13.08 -7.98
N LYS A 41 -7.95 -11.87 -8.38
CA LYS A 41 -6.96 -10.76 -8.23
C LYS A 41 -6.79 -10.62 -6.73
N PRO A 42 -5.57 -10.60 -6.23
CA PRO A 42 -5.36 -10.65 -4.76
C PRO A 42 -5.64 -9.41 -3.98
N VAL A 43 -5.40 -8.24 -4.55
CA VAL A 43 -5.62 -6.94 -3.88
C VAL A 43 -6.25 -5.94 -4.87
N ASN A 44 -7.08 -5.07 -4.37
CA ASN A 44 -7.71 -4.04 -5.19
C ASN A 44 -8.30 -2.97 -4.28
N THR A 45 -8.27 -1.74 -4.74
CA THR A 45 -8.82 -0.60 -3.99
C THR A 45 -9.85 0.14 -4.86
N PHE A 46 -10.95 0.45 -4.24
CA PHE A 46 -12.05 1.20 -4.86
C PHE A 46 -12.18 2.55 -4.19
N VAL A 47 -12.31 3.63 -4.92
CA VAL A 47 -12.46 5.00 -4.38
C VAL A 47 -13.89 5.46 -4.55
N HIS A 48 -14.47 5.90 -3.47
CA HIS A 48 -15.89 6.36 -3.46
C HIS A 48 -15.95 7.88 -3.54
N GLU A 49 -15.53 8.45 -4.65
CA GLU A 49 -15.55 9.92 -4.85
C GLU A 49 -15.93 10.14 -6.30
N SER A 50 -16.33 11.35 -6.63
CA SER A 50 -16.69 11.67 -8.01
C SER A 50 -15.41 11.61 -8.86
N LEU A 51 -15.70 11.35 -10.12
CA LEU A 51 -14.62 11.27 -11.12
C LEU A 51 -13.87 12.59 -11.11
N ALA A 52 -14.56 13.69 -11.01
CA ALA A 52 -14.00 15.03 -11.00
C ALA A 52 -13.02 15.22 -9.86
N ASP A 53 -13.36 14.75 -8.68
CA ASP A 53 -12.52 14.82 -7.49
C ASP A 53 -11.29 13.92 -7.66
N VAL A 54 -11.43 12.75 -8.29
CA VAL A 54 -10.26 11.86 -8.49
C VAL A 54 -9.34 12.41 -9.57
N GLN A 55 -9.89 12.92 -10.66
CA GLN A 55 -9.09 13.52 -11.76
C GLN A 55 -8.31 14.73 -11.24
N ALA A 56 -8.85 15.43 -10.29
CA ALA A 56 -8.20 16.59 -9.69
C ALA A 56 -6.92 16.21 -8.95
N VAL A 57 -6.73 14.99 -8.49
CA VAL A 57 -5.52 14.56 -7.80
C VAL A 57 -4.28 14.70 -8.68
N CYS A 58 -4.47 14.61 -9.98
CA CYS A 58 -3.36 14.77 -10.95
C CYS A 58 -2.70 16.15 -10.86
N SER A 59 -3.25 17.08 -10.11
CA SER A 59 -2.62 18.39 -9.94
C SER A 59 -2.34 18.71 -8.49
N GLN A 60 -2.29 17.67 -7.67
CA GLN A 60 -2.00 17.85 -6.24
C GLN A 60 -0.56 17.50 -5.94
N LYS A 61 -0.18 16.90 -4.83
CA LYS A 61 1.17 16.65 -4.44
C LYS A 61 1.94 15.65 -5.25
N ASN A 62 2.89 16.15 -6.04
CA ASN A 62 3.75 15.26 -6.87
C ASN A 62 4.69 14.43 -5.98
N VAL A 63 4.72 13.11 -6.18
CA VAL A 63 5.60 12.20 -5.43
C VAL A 63 6.11 11.13 -6.38
N ALA A 64 7.07 10.32 -6.03
CA ALA A 64 7.52 9.21 -6.84
C ALA A 64 6.47 8.10 -6.72
N CYS A 65 6.35 7.34 -7.77
CA CYS A 65 5.51 6.13 -7.82
C CYS A 65 6.35 4.98 -7.27
N LYS A 66 5.71 3.87 -6.99
CA LYS A 66 6.40 2.66 -6.52
C LYS A 66 7.54 2.22 -7.41
N ASN A 67 7.38 2.40 -8.70
CA ASN A 67 8.35 1.99 -9.72
C ASN A 67 9.41 3.02 -9.97
N GLY A 68 9.47 4.10 -9.27
CA GLY A 68 10.45 5.14 -9.45
C GLY A 68 9.99 6.24 -10.40
N GLN A 69 8.92 6.04 -11.18
CA GLN A 69 8.52 7.17 -12.09
C GLN A 69 8.08 8.38 -11.30
N THR A 70 7.99 9.58 -11.86
CA THR A 70 7.57 10.75 -11.07
C THR A 70 6.28 11.38 -11.56
N ASN A 71 5.42 10.54 -12.11
CA ASN A 71 4.10 11.01 -12.54
C ASN A 71 3.06 10.49 -11.51
N CYS A 72 3.38 10.50 -10.25
CA CYS A 72 2.46 10.12 -9.17
C CYS A 72 2.09 11.35 -8.38
N TYR A 73 0.89 11.38 -7.86
CA TYR A 73 0.29 12.46 -7.07
C TYR A 73 -0.57 11.89 -5.93
N GLN A 74 -0.41 12.51 -4.78
CA GLN A 74 -1.09 12.26 -3.52
C GLN A 74 -2.16 13.35 -3.31
N SER A 75 -3.38 12.90 -3.01
CA SER A 75 -4.48 13.81 -2.69
C SER A 75 -4.13 14.60 -1.43
N TYR A 76 -4.52 15.87 -1.36
CA TYR A 76 -4.20 16.60 -0.08
C TYR A 76 -5.14 16.16 1.03
N SER A 77 -6.38 15.89 0.68
CA SER A 77 -7.41 15.45 1.64
C SER A 77 -7.56 13.93 1.52
N THR A 78 -8.13 13.36 2.59
CA THR A 78 -8.44 11.93 2.65
C THR A 78 -9.67 11.72 1.79
N MET A 79 -9.85 10.51 1.30
CA MET A 79 -11.00 10.20 0.43
C MET A 79 -11.55 8.88 0.93
N SER A 80 -12.78 8.60 0.64
CA SER A 80 -13.44 7.35 1.04
C SER A 80 -12.95 6.24 0.10
N ILE A 81 -12.29 5.28 0.68
CA ILE A 81 -11.75 4.12 0.02
C ILE A 81 -12.15 2.81 0.71
N THR A 82 -12.17 1.80 -0.13
CA THR A 82 -12.41 0.42 0.22
C THR A 82 -11.27 -0.47 -0.28
N ASP A 83 -10.56 -1.08 0.65
CA ASP A 83 -9.47 -2.04 0.42
C ASP A 83 -10.00 -3.47 0.32
N CYS A 84 -9.66 -4.21 -0.72
CA CYS A 84 -10.09 -5.60 -0.92
C CYS A 84 -8.87 -6.49 -0.85
N ARG A 85 -8.88 -7.47 0.02
CA ARG A 85 -7.70 -8.34 0.18
C ARG A 85 -8.19 -9.77 0.24
N GLU A 86 -7.59 -10.54 -0.66
CA GLU A 86 -7.96 -11.95 -0.79
C GLU A 86 -7.59 -12.68 0.50
N THR A 87 -8.54 -13.43 1.05
CA THR A 87 -8.26 -14.21 2.28
C THR A 87 -7.48 -15.49 1.95
N GLY A 88 -6.96 -16.12 3.00
CA GLY A 88 -6.15 -17.35 2.89
C GLY A 88 -6.98 -18.56 2.54
N SER A 89 -8.27 -18.53 2.67
CA SER A 89 -9.12 -19.68 2.28
C SER A 89 -9.83 -19.52 0.93
N SER A 90 -9.53 -18.46 0.21
CA SER A 90 -10.15 -18.21 -1.10
C SER A 90 -9.60 -19.19 -2.13
N LYS A 91 -10.45 -19.73 -2.98
CA LYS A 91 -10.02 -20.71 -4.01
C LYS A 91 -10.84 -20.43 -5.25
N TYR A 92 -10.22 -20.05 -6.35
CA TYR A 92 -10.91 -19.75 -7.60
C TYR A 92 -11.77 -20.96 -8.00
N PRO A 93 -12.97 -20.75 -8.47
CA PRO A 93 -13.64 -19.48 -8.73
C PRO A 93 -14.36 -18.79 -7.59
N ASN A 94 -14.34 -19.32 -6.38
CA ASN A 94 -14.98 -18.72 -5.21
C ASN A 94 -13.98 -17.81 -4.51
N CYS A 95 -13.66 -16.75 -5.23
CA CYS A 95 -12.70 -15.76 -4.72
C CYS A 95 -13.35 -15.16 -3.48
N ALA A 96 -12.59 -15.08 -2.41
CA ALA A 96 -13.09 -14.54 -1.14
C ALA A 96 -12.21 -13.41 -0.67
N TYR A 97 -12.79 -12.29 -0.30
CA TYR A 97 -12.05 -11.14 0.17
C TYR A 97 -12.47 -10.63 1.51
N LYS A 98 -11.54 -9.92 2.11
CA LYS A 98 -11.74 -9.18 3.34
C LYS A 98 -11.97 -7.71 2.92
N THR A 99 -13.04 -7.08 3.33
CA THR A 99 -13.40 -5.70 3.10
C THR A 99 -12.96 -4.73 4.19
N THR A 100 -12.18 -3.71 3.88
CA THR A 100 -11.77 -2.68 4.82
C THR A 100 -12.19 -1.32 4.27
N GLN A 101 -13.06 -0.62 5.00
CA GLN A 101 -13.52 0.70 4.58
C GLN A 101 -12.72 1.73 5.36
N ALA A 102 -12.18 2.78 4.77
CA ALA A 102 -11.39 3.78 5.50
C ALA A 102 -11.41 5.12 4.75
N ASN A 103 -10.90 6.14 5.45
CA ASN A 103 -10.71 7.49 4.87
C ASN A 103 -9.17 7.68 4.82
N LYS A 104 -8.65 7.70 3.61
CA LYS A 104 -7.20 7.81 3.47
C LYS A 104 -6.84 8.71 2.27
N HIS A 105 -5.59 9.12 2.26
CA HIS A 105 -5.10 9.91 1.10
C HIS A 105 -4.81 8.84 0.00
N ILE A 106 -4.99 9.17 -1.26
CA ILE A 106 -4.72 8.25 -2.36
C ILE A 106 -3.50 8.79 -3.14
N ILE A 107 -2.81 7.86 -3.75
CA ILE A 107 -1.69 8.12 -4.65
C ILE A 107 -2.01 7.44 -5.99
N VAL A 108 -2.13 8.26 -7.01
CA VAL A 108 -2.46 7.81 -8.39
C VAL A 108 -1.32 8.18 -9.36
N ALA A 109 -1.23 7.46 -10.45
CA ALA A 109 -0.28 7.70 -11.57
C ALA A 109 -1.12 8.34 -12.65
N CYS A 110 -0.66 9.44 -13.22
CA CYS A 110 -1.42 10.17 -14.26
C CYS A 110 -0.62 10.17 -15.57
N GLU A 111 -1.38 10.20 -16.65
CA GLU A 111 -0.86 10.22 -18.01
C GLU A 111 -1.91 10.71 -19.01
N GLY A 112 -1.41 11.01 -20.21
CA GLY A 112 -2.19 11.42 -21.32
C GLY A 112 -2.58 12.88 -21.41
N ASN A 113 -3.42 13.04 -22.44
CA ASN A 113 -3.99 14.35 -22.77
C ASN A 113 -5.49 14.11 -23.07
N PRO A 114 -6.39 14.49 -22.19
CA PRO A 114 -6.16 15.20 -20.89
C PRO A 114 -5.45 14.35 -19.86
N TYR A 115 -4.79 14.96 -18.91
CA TYR A 115 -3.97 14.34 -17.87
C TYR A 115 -4.85 13.77 -16.72
N VAL A 116 -5.00 12.46 -16.78
CA VAL A 116 -5.90 11.75 -15.83
C VAL A 116 -5.24 10.55 -15.17
N PRO A 117 -5.87 10.07 -14.06
CA PRO A 117 -5.38 8.87 -13.35
C PRO A 117 -5.54 7.63 -14.22
N VAL A 118 -4.49 6.83 -14.34
CA VAL A 118 -4.52 5.59 -15.11
C VAL A 118 -4.12 4.36 -14.27
N HIS A 119 -3.52 4.57 -13.12
CA HIS A 119 -3.11 3.54 -12.16
C HIS A 119 -3.23 4.02 -10.73
N PHE A 120 -3.58 3.07 -9.88
CA PHE A 120 -3.73 3.34 -8.43
C PHE A 120 -2.43 2.88 -7.79
N ASP A 121 -1.64 3.75 -7.22
CA ASP A 121 -0.37 3.38 -6.59
C ASP A 121 -0.49 2.87 -5.16
N ALA A 122 -1.19 3.55 -4.27
CA ALA A 122 -1.35 3.20 -2.88
C ALA A 122 -2.29 4.17 -2.18
N SER A 123 -2.65 3.83 -0.97
CA SER A 123 -3.45 4.71 -0.07
C SER A 123 -2.52 4.93 1.15
N VAL A 124 -2.62 6.04 1.78
CA VAL A 124 -1.76 6.44 2.89
C VAL A 124 -2.56 7.10 4.02
N LYS B 1 25.29 -10.56 1.93
CA LYS B 1 25.69 -11.35 3.09
C LYS B 1 24.68 -11.31 4.23
N GLU B 2 23.62 -10.50 4.10
CA GLU B 2 22.59 -10.47 5.16
C GLU B 2 21.54 -11.54 4.84
N THR B 3 21.00 -12.15 5.86
CA THR B 3 19.92 -13.17 5.71
C THR B 3 18.68 -12.39 5.29
N ALA B 4 17.62 -13.03 4.89
CA ALA B 4 16.38 -12.32 4.45
C ALA B 4 15.73 -11.60 5.63
N ALA B 5 15.81 -12.27 6.74
CA ALA B 5 15.25 -11.76 8.00
C ALA B 5 16.06 -10.56 8.44
N ALA B 6 17.38 -10.59 8.38
CA ALA B 6 18.20 -9.43 8.77
C ALA B 6 17.93 -8.24 7.87
N LYS B 7 17.71 -8.49 6.60
CA LYS B 7 17.37 -7.49 5.61
C LYS B 7 16.03 -6.83 5.96
N PHE B 8 15.05 -7.65 6.33
CA PHE B 8 13.73 -7.13 6.75
C PHE B 8 13.90 -6.15 7.92
N GLU B 9 14.71 -6.49 8.89
CA GLU B 9 14.98 -5.66 10.07
C GLU B 9 15.63 -4.35 9.71
N ARG B 10 16.67 -4.43 8.86
CA ARG B 10 17.35 -3.20 8.41
C ARG B 10 16.36 -2.24 7.76
N GLN B 11 15.60 -2.72 6.81
CA GLN B 11 14.70 -1.95 5.98
C GLN B 11 13.41 -1.49 6.59
N HIS B 12 12.87 -2.28 7.51
CA HIS B 12 11.52 -2.04 8.01
C HIS B 12 11.27 -2.02 9.48
N MET B 13 12.26 -2.14 10.34
CA MET B 13 12.03 -2.15 11.79
C MET B 13 12.66 -0.94 12.47
N ASP B 14 11.92 -0.26 13.33
CA ASP B 14 12.48 0.83 14.13
C ASP B 14 11.79 0.80 15.50
N SER B 15 12.17 -0.19 16.27
CA SER B 15 11.75 -0.52 17.62
C SER B 15 12.10 0.52 18.68
N SER B 16 13.12 1.31 18.40
CA SER B 16 13.68 2.34 19.22
C SER B 16 12.81 3.57 19.35
N THR B 17 11.84 3.72 18.49
CA THR B 17 10.94 4.89 18.52
C THR B 17 9.50 4.39 18.43
N SER B 18 8.66 5.09 19.18
CA SER B 18 7.21 4.80 19.26
C SER B 18 6.48 5.31 18.02
N ALA B 19 7.07 6.41 17.52
CA ALA B 19 6.55 7.13 16.36
C ALA B 19 7.60 8.03 15.71
N ALA B 20 7.33 8.38 14.46
CA ALA B 20 8.18 9.27 13.64
C ALA B 20 8.25 10.57 14.45
N SER B 21 9.49 10.86 14.80
CA SER B 21 9.76 12.08 15.61
C SER B 21 9.25 13.34 14.91
N SER B 22 9.82 13.70 13.78
CA SER B 22 9.45 14.89 13.02
C SER B 22 9.27 14.70 11.53
N SER B 23 9.15 15.80 10.80
CA SER B 23 8.99 15.90 9.34
C SER B 23 10.20 15.43 8.55
N ASN B 24 11.33 15.41 9.21
CA ASN B 24 12.63 14.98 8.76
C ASN B 24 12.98 13.52 9.07
N TYR B 25 12.10 12.83 9.79
CA TYR B 25 12.29 11.42 10.15
C TYR B 25 12.76 10.62 8.95
N CYS B 26 11.99 10.52 7.89
CA CYS B 26 12.31 9.77 6.68
C CYS B 26 13.63 10.11 6.02
N ASN B 27 13.97 11.36 5.90
CA ASN B 27 15.24 11.84 5.30
C ASN B 27 16.39 11.22 6.07
N GLN B 28 16.29 11.26 7.39
CA GLN B 28 17.32 10.67 8.26
C GLN B 28 17.44 9.17 8.19
N MET B 29 16.35 8.43 8.37
CA MET B 29 16.25 6.99 8.39
C MET B 29 16.56 6.33 7.06
N MET B 30 16.04 6.91 5.99
CA MET B 30 16.30 6.28 4.66
C MET B 30 17.83 6.27 4.47
N LYS B 31 18.45 7.36 4.90
CA LYS B 31 19.93 7.42 4.70
C LYS B 31 20.70 6.51 5.62
N SER B 32 20.38 6.54 6.91
CA SER B 32 21.11 5.70 7.89
C SER B 32 20.89 4.21 7.71
N ARG B 33 19.83 3.81 7.08
CA ARG B 33 19.51 2.39 6.81
C ARG B 33 20.11 2.01 5.47
N ASN B 34 20.83 2.92 4.81
CA ASN B 34 21.43 2.60 3.50
C ASN B 34 20.45 2.47 2.35
N LEU B 35 19.29 3.11 2.43
CA LEU B 35 18.30 3.04 1.38
C LEU B 35 18.47 4.17 0.37
N THR B 36 19.50 4.99 0.51
CA THR B 36 19.73 6.10 -0.40
C THR B 36 21.13 6.02 -1.03
N LYS B 37 21.74 4.90 -0.91
CA LYS B 37 23.06 4.54 -1.33
C LYS B 37 23.34 4.77 -2.80
N ASP B 38 22.73 4.00 -3.69
CA ASP B 38 23.13 4.24 -5.13
C ASP B 38 22.10 5.04 -5.86
N ARG B 39 20.93 5.12 -5.23
CA ARG B 39 19.78 5.81 -5.76
C ARG B 39 18.77 5.96 -4.59
N CYS B 40 17.84 6.87 -4.82
CA CYS B 40 16.77 7.14 -3.84
C CYS B 40 15.73 6.03 -3.95
N LYS B 41 15.56 5.24 -2.89
CA LYS B 41 14.50 4.20 -2.91
C LYS B 41 13.20 5.00 -2.84
N PRO B 42 12.23 4.76 -3.67
CA PRO B 42 11.01 5.55 -3.72
C PRO B 42 10.03 5.44 -2.58
N VAL B 43 9.81 4.25 -2.03
CA VAL B 43 8.80 4.07 -0.94
C VAL B 43 9.37 3.13 0.12
N ASN B 44 9.06 3.35 1.39
CA ASN B 44 9.55 2.40 2.45
C ASN B 44 8.71 2.62 3.68
N THR B 45 8.41 1.61 4.46
CA THR B 45 7.63 1.73 5.71
C THR B 45 8.49 1.14 6.84
N PHE B 46 8.55 1.80 7.99
CA PHE B 46 9.27 1.37 9.19
C PHE B 46 8.23 0.94 10.24
N VAL B 47 8.38 -0.18 10.89
CA VAL B 47 7.35 -0.52 11.95
C VAL B 47 7.92 -0.15 13.31
N HIS B 48 7.18 0.55 14.14
CA HIS B 48 7.63 0.96 15.49
C HIS B 48 7.13 0.02 16.58
N GLU B 49 7.44 -1.22 16.57
CA GLU B 49 7.02 -2.21 17.58
C GLU B 49 8.20 -3.13 17.81
N SER B 50 8.11 -3.95 18.85
CA SER B 50 9.22 -4.87 19.13
C SER B 50 9.31 -5.89 18.03
N LEU B 51 10.53 -6.39 17.87
CA LEU B 51 10.74 -7.46 16.88
C LEU B 51 9.85 -8.65 17.15
N ALA B 52 9.72 -9.04 18.41
CA ALA B 52 8.90 -10.19 18.80
C ALA B 52 7.45 -9.98 18.45
N ASP B 53 6.99 -8.75 18.61
CA ASP B 53 5.60 -8.40 18.30
C ASP B 53 5.37 -8.54 16.80
N VAL B 54 6.36 -8.15 16.04
CA VAL B 54 6.26 -8.26 14.55
C VAL B 54 6.43 -9.72 14.12
N GLN B 55 7.37 -10.45 14.71
CA GLN B 55 7.52 -11.87 14.40
C GLN B 55 6.23 -12.62 14.68
N ALA B 56 5.52 -12.27 15.74
CA ALA B 56 4.24 -12.89 16.07
C ALA B 56 3.22 -12.78 14.94
N VAL B 57 3.29 -11.81 14.03
CA VAL B 57 2.27 -11.69 12.97
C VAL B 57 2.24 -12.94 12.08
N CYS B 58 3.34 -13.64 11.97
CA CYS B 58 3.47 -14.84 11.13
C CYS B 58 2.57 -15.95 11.57
N SER B 59 1.92 -15.74 12.73
CA SER B 59 0.95 -16.78 13.13
C SER B 59 -0.40 -16.12 13.30
N GLN B 60 -0.64 -14.99 12.73
CA GLN B 60 -1.92 -14.27 12.90
C GLN B 60 -2.84 -14.58 11.76
N LYS B 61 -3.50 -13.66 11.12
CA LYS B 61 -4.48 -13.91 10.07
C LYS B 61 -3.79 -14.15 8.71
N ASN B 62 -4.00 -15.33 8.16
CA ASN B 62 -3.40 -15.73 6.87
C ASN B 62 -4.14 -15.01 5.75
N VAL B 63 -3.42 -14.33 4.86
CA VAL B 63 -3.99 -13.66 3.68
C VAL B 63 -3.10 -13.90 2.45
N ALA B 64 -3.66 -13.50 1.32
CA ALA B 64 -2.89 -13.59 0.05
C ALA B 64 -1.93 -12.41 0.00
N CYS B 65 -0.73 -12.64 -0.48
CA CYS B 65 0.24 -11.53 -0.66
C CYS B 65 -0.16 -10.85 -1.97
N LYS B 66 0.53 -9.79 -2.31
CA LYS B 66 0.26 -9.10 -3.58
C LYS B 66 0.49 -9.99 -4.78
N ASN B 67 1.37 -10.96 -4.68
CA ASN B 67 1.64 -11.89 -5.79
C ASN B 67 0.67 -13.06 -5.87
N GLY B 68 -0.33 -13.13 -5.01
CA GLY B 68 -1.27 -14.23 -5.04
C GLY B 68 -0.87 -15.42 -4.22
N GLN B 69 0.35 -15.49 -3.70
CA GLN B 69 0.76 -16.63 -2.85
C GLN B 69 0.32 -16.30 -1.40
N THR B 70 0.06 -17.37 -0.66
CA THR B 70 -0.48 -17.27 0.70
C THR B 70 0.43 -17.47 1.85
N ASN B 71 1.63 -16.89 1.87
CA ASN B 71 2.57 -16.91 2.98
C ASN B 71 2.49 -15.52 3.64
N CYS B 72 1.44 -14.75 3.40
CA CYS B 72 1.24 -13.43 4.00
C CYS B 72 0.29 -13.49 5.22
N TYR B 73 0.55 -12.60 6.15
CA TYR B 73 -0.17 -12.52 7.41
C TYR B 73 -0.44 -11.09 7.80
N GLN B 74 -1.70 -10.92 8.25
CA GLN B 74 -2.21 -9.61 8.68
C GLN B 74 -2.24 -9.57 10.23
N SER B 75 -1.71 -8.49 10.79
CA SER B 75 -1.72 -8.35 12.27
C SER B 75 -3.17 -8.20 12.76
N TYR B 76 -3.46 -8.80 13.90
CA TYR B 76 -4.78 -8.65 14.55
C TYR B 76 -5.04 -7.19 14.95
N SER B 77 -4.06 -6.52 15.49
CA SER B 77 -4.10 -5.17 15.97
C SER B 77 -3.37 -4.16 15.10
N THR B 78 -3.73 -2.90 15.35
CA THR B 78 -3.04 -1.81 14.63
C THR B 78 -1.67 -1.66 15.26
N MET B 79 -0.73 -1.21 14.44
CA MET B 79 0.65 -1.03 14.87
C MET B 79 1.09 0.37 14.46
N SER B 80 2.02 0.91 15.19
CA SER B 80 2.55 2.25 14.86
C SER B 80 3.56 2.13 13.70
N ILE B 81 3.29 2.85 12.65
CA ILE B 81 4.18 2.81 11.46
C ILE B 81 4.38 4.21 10.92
N THR B 82 5.50 4.30 10.19
CA THR B 82 5.89 5.50 9.46
C THR B 82 6.05 5.15 7.96
N ASP B 83 5.33 5.86 7.15
CA ASP B 83 5.41 5.73 5.68
C ASP B 83 6.40 6.79 5.12
N CYS B 84 7.31 6.39 4.29
CA CYS B 84 8.31 7.31 3.68
C CYS B 84 8.09 7.27 2.17
N ARG B 85 7.86 8.44 1.60
CA ARG B 85 7.59 8.49 0.13
C ARG B 85 8.45 9.59 -0.46
N GLU B 86 9.16 9.17 -1.51
CA GLU B 86 10.01 10.14 -2.21
C GLU B 86 9.16 11.24 -2.82
N THR B 87 9.51 12.50 -2.61
CA THR B 87 8.79 13.64 -3.14
C THR B 87 9.27 13.98 -4.56
N GLY B 88 8.43 14.77 -5.20
CA GLY B 88 8.60 15.23 -6.56
C GLY B 88 9.92 15.91 -6.79
N SER B 89 10.37 16.71 -5.86
CA SER B 89 11.60 17.49 -5.86
C SER B 89 12.90 16.71 -5.69
N SER B 90 12.87 15.58 -5.00
CA SER B 90 13.97 14.71 -4.69
C SER B 90 14.95 14.51 -5.85
N LYS B 91 16.22 14.64 -5.49
CA LYS B 91 17.30 14.44 -6.47
C LYS B 91 18.53 13.80 -5.89
N TYR B 92 18.80 12.55 -6.30
CA TYR B 92 20.00 11.86 -5.81
C TYR B 92 21.19 12.82 -5.95
N PRO B 93 22.05 12.90 -4.97
CA PRO B 93 22.07 12.14 -3.73
C PRO B 93 21.36 12.80 -2.57
N ASN B 94 20.71 13.91 -2.80
CA ASN B 94 19.97 14.62 -1.73
C ASN B 94 18.52 14.13 -1.81
N CYS B 95 18.35 12.88 -1.46
CA CYS B 95 17.03 12.20 -1.53
C CYS B 95 16.05 12.83 -0.58
N ALA B 96 14.89 13.28 -0.98
CA ALA B 96 13.91 13.92 -0.09
C ALA B 96 12.64 13.10 0.04
N TYR B 97 12.19 12.97 1.27
CA TYR B 97 10.96 12.19 1.57
C TYR B 97 9.89 12.91 2.40
N LYS B 98 8.65 12.48 2.19
CA LYS B 98 7.47 12.93 2.98
C LYS B 98 7.31 11.83 4.06
N THR B 99 7.09 12.26 5.28
CA THR B 99 6.95 11.43 6.46
C THR B 99 5.47 11.47 6.94
N THR B 100 4.88 10.31 6.94
CA THR B 100 3.52 10.05 7.41
C THR B 100 3.55 8.97 8.54
N GLN B 101 3.07 9.34 9.71
CA GLN B 101 2.93 8.51 10.91
C GLN B 101 1.47 8.03 11.00
N ALA B 102 1.24 6.75 11.23
CA ALA B 102 -0.15 6.26 11.31
C ALA B 102 -0.19 5.01 12.19
N ASN B 103 -1.41 4.61 12.52
CA ASN B 103 -1.65 3.39 13.30
C ASN B 103 -2.47 2.48 12.38
N LYS B 104 -1.83 1.46 11.84
CA LYS B 104 -2.53 0.60 10.85
C LYS B 104 -2.22 -0.86 11.07
N HIS B 105 -2.99 -1.71 10.39
CA HIS B 105 -2.70 -3.15 10.44
C HIS B 105 -1.52 -3.42 9.51
N ILE B 106 -0.65 -4.35 9.78
CA ILE B 106 0.43 -4.61 8.77
C ILE B 106 0.20 -5.96 8.13
N ILE B 107 0.78 -6.18 6.96
CA ILE B 107 0.67 -7.47 6.24
C ILE B 107 2.11 -7.83 5.86
N VAL B 108 2.60 -8.95 6.30
CA VAL B 108 3.97 -9.35 5.99
C VAL B 108 4.01 -10.71 5.36
N ALA B 109 5.08 -10.90 4.59
CA ALA B 109 5.41 -12.19 3.97
C ALA B 109 6.42 -12.86 4.93
N CYS B 110 6.10 -14.11 5.22
CA CYS B 110 6.88 -14.93 6.15
C CYS B 110 7.51 -16.14 5.45
N GLU B 111 8.68 -16.47 5.96
CA GLU B 111 9.51 -17.56 5.51
C GLU B 111 10.47 -18.13 6.53
N GLY B 112 10.71 -19.43 6.37
CA GLY B 112 11.71 -20.15 7.11
C GLY B 112 11.33 -20.88 8.35
N ASN B 113 12.40 -21.24 9.05
CA ASN B 113 12.22 -21.96 10.34
C ASN B 113 13.26 -21.35 11.28
N PRO B 114 12.85 -20.55 12.23
CA PRO B 114 11.47 -20.17 12.48
C PRO B 114 10.93 -19.27 11.37
N TYR B 115 9.61 -19.32 11.29
CA TYR B 115 8.78 -18.59 10.33
C TYR B 115 8.74 -17.14 10.77
N VAL B 116 9.51 -16.32 10.08
CA VAL B 116 9.63 -14.87 10.45
C VAL B 116 9.34 -13.99 9.23
N PRO B 117 9.07 -12.72 9.45
CA PRO B 117 8.80 -11.79 8.35
C PRO B 117 10.07 -11.57 7.52
N VAL B 118 9.89 -11.67 6.21
CA VAL B 118 10.98 -11.43 5.25
C VAL B 118 10.61 -10.32 4.27
N HIS B 119 9.34 -9.95 4.11
CA HIS B 119 8.94 -8.85 3.22
C HIS B 119 7.80 -8.04 3.83
N PHE B 120 7.75 -6.77 3.56
CA PHE B 120 6.64 -5.92 4.03
C PHE B 120 5.70 -5.77 2.81
N ASP B 121 4.54 -6.37 2.90
CA ASP B 121 3.52 -6.42 1.85
C ASP B 121 2.69 -5.17 1.77
N ALA B 122 2.03 -4.71 2.80
CA ALA B 122 1.23 -3.51 2.84
C ALA B 122 0.78 -3.23 4.28
N SER B 123 0.25 -2.05 4.42
CA SER B 123 -0.40 -1.62 5.67
C SER B 123 -1.84 -1.32 5.21
N VAL B 124 -2.80 -1.56 6.05
CA VAL B 124 -4.23 -1.40 5.84
C VAL B 124 -4.90 -0.69 7.03
N1 ADT C . 1.01 0.36 -10.25
C2 ADT C . 1.35 1.27 -9.26
O2 ADT C . 1.04 1.03 -8.09
N3 ADT C . 2.04 2.41 -9.63
C4 ADT C . 2.45 2.76 -10.90
O4 ADT C . 3.08 3.81 -11.10
C5 ADT C . 2.10 1.79 -11.91
C5M ADT C . 2.52 2.08 -13.37
C6 ADT C . 1.40 0.64 -11.59
C1' ADT C . 0.24 -0.94 -9.83
O4' ADT C . 0.30 -1.86 -10.95
C4' ADT C . -1.04 -1.94 -11.61
C5' ADT C . -0.83 -1.61 -13.09
O5' ADT C . -1.07 -2.73 -13.94
C3' ADT C . -1.94 -1.00 -10.87
N3' ADT C . -3.32 -1.48 -10.84
C8' ADT C . -4.30 -0.56 -10.81
O8' ADT C . -4.04 0.65 -10.75
C9' ADT C . -5.73 -1.04 -10.82
C2' ADT C . -1.28 -0.92 -9.49
N1 ADT D . 6.94 -7.79 -1.65
C2 ADT D . 5.62 -7.77 -1.25
O2 ADT D . 5.09 -6.69 -1.06
N3 ADT D . 4.94 -8.98 -1.10
C4 ADT D . 5.50 -10.23 -1.31
O4 ADT D . 4.82 -11.24 -1.14
C5 ADT D . 6.88 -10.21 -1.76
C5M ADT D . 7.56 -11.57 -2.03
C6 ADT D . 7.57 -9.03 -1.94
C1' ADT D . 7.65 -6.41 -1.84
O4' ADT D . 8.92 -6.71 -2.50
C4' ADT D . 10.05 -6.14 -1.74
C5' ADT D . 11.21 -7.15 -1.84
O5' ADT D . 11.32 -7.59 -3.18
C3' ADT D . 9.54 -5.90 -0.36
N3' ADT D . 10.27 -4.79 0.31
C8' ADT D . 10.37 -4.91 1.64
O8' ADT D . 9.79 -5.85 2.22
C9' ADT D . 11.22 -3.92 2.37
C2' ADT D . 8.05 -5.62 -0.56
#